data_6RYL
#
_entry.id   6RYL
#
_cell.length_a   82.663
_cell.length_b   45.914
_cell.length_c   87.535
_cell.angle_alpha   90.000
_cell.angle_beta   102.880
_cell.angle_gamma   90.000
#
_symmetry.space_group_name_H-M   'P 1 21 1'
#
loop_
_entity.id
_entity.type
_entity.pdbx_description
1 polymer 'Protein WUSCHEL'
2 polymer "DNA (5'-D(P*CP*AP*CP*AP*AP*CP*CP*CP*AP*TP*TP*AP*AP*CP*AP*C)-3')"
3 polymer "DNA (5'-D(P*GP*TP*GP*TP*TP*AP*AP*TP*GP*GP*GP*TP*TP*GP*TP*G)-3')"
#
loop_
_entity_poly.entity_id
_entity_poly.type
_entity_poly.pdbx_seq_one_letter_code
_entity_poly.pdbx_strand_id
1 'polypeptide(L)' GAMGQTSTRWTPTTEQIKILKELYYNNAIRSPTADQIQKITARLRQFGKIEGKNVFYWFQNHKARERQKKRFNGGS A,B,C,D,E
2 'polydeoxyribonucleotide' (DC)(DA)(DC)(DA)(DA)(DC)(DC)(DC)(DA)(DT)(DT)(DA)(DA)(DC)(DA)(DC) F,H
3 'polydeoxyribonucleotide' (DG)(DT)(DG)(DT)(DT)(DA)(DA)(DT)(DG)(DG)(DG)(DT)(DT)(DG)(DT)(DG) G,I
#
loop_
_chem_comp.id
_chem_comp.type
_chem_comp.name
_chem_comp.formula
DA DNA linking 2'-DEOXYADENOSINE-5'-MONOPHOSPHATE 'C10 H14 N5 O6 P'
DC DNA linking 2'-DEOXYCYTIDINE-5'-MONOPHOSPHATE 'C9 H14 N3 O7 P'
DG DNA linking 2'-DEOXYGUANOSINE-5'-MONOPHOSPHATE 'C10 H14 N5 O7 P'
DT DNA linking THYMIDINE-5'-MONOPHOSPHATE 'C10 H15 N2 O8 P'
#
# COMPACT_ATOMS: atom_id res chain seq x y z
N TRP A 10 -12.10 -6.47 27.23
CA TRP A 10 -11.47 -5.50 28.13
C TRP A 10 -12.17 -4.15 27.99
N THR A 11 -12.42 -3.49 29.12
CA THR A 11 -13.02 -2.17 29.12
C THR A 11 -12.03 -1.16 29.67
N PRO A 12 -11.60 -0.17 28.90
CA PRO A 12 -10.59 0.78 29.39
C PRO A 12 -11.21 1.83 30.29
N THR A 13 -10.54 2.11 31.40
CA THR A 13 -10.96 3.21 32.24
C THR A 13 -10.57 4.54 31.60
N THR A 14 -11.27 5.59 31.99
CA THR A 14 -11.04 6.92 31.40
C THR A 14 -9.59 7.35 31.57
N GLU A 15 -9.01 7.14 32.75
CA GLU A 15 -7.64 7.59 33.00
C GLU A 15 -6.64 6.85 32.12
N GLN A 16 -6.93 5.60 31.76
CA GLN A 16 -6.06 4.87 30.84
C GLN A 16 -6.05 5.52 29.46
N ILE A 17 -7.20 6.00 29.00
CA ILE A 17 -7.28 6.63 27.69
C ILE A 17 -6.48 7.92 27.67
N LYS A 18 -6.52 8.70 28.75
CA LYS A 18 -5.75 9.94 28.80
C LYS A 18 -4.25 9.67 28.81
N ILE A 19 -3.82 8.58 29.46
CA ILE A 19 -2.40 8.24 29.45
C ILE A 19 -1.99 7.73 28.07
N LEU A 20 -2.83 6.92 27.44
CA LEU A 20 -2.53 6.43 26.10
C LEU A 20 -2.49 7.57 25.10
N LYS A 21 -3.50 8.44 25.13
CA LYS A 21 -3.52 9.60 24.25
C LYS A 21 -2.40 10.57 24.56
N GLU A 22 -1.97 10.64 25.81
CA GLU A 22 -0.77 11.41 26.16
C GLU A 22 0.45 10.86 25.44
N LEU A 23 0.71 9.57 25.59
CA LEU A 23 1.87 8.94 24.97
C LEU A 23 1.80 9.01 23.46
N TYR A 24 0.59 8.87 22.90
CA TYR A 24 0.44 8.82 21.45
C TYR A 24 0.59 10.19 20.81
N TYR A 25 -0.02 11.21 21.40
CA TYR A 25 -0.08 12.52 20.75
C TYR A 25 1.02 13.48 21.19
N ASN A 26 1.49 13.39 22.43
CA ASN A 26 2.52 14.30 22.92
C ASN A 26 3.90 13.64 23.01
N ASN A 27 3.96 12.33 23.18
CA ASN A 27 5.22 11.62 23.18
C ASN A 27 5.50 10.92 21.87
N ALA A 28 4.53 10.92 20.94
CA ALA A 28 4.72 10.45 19.56
C ALA A 28 5.07 8.96 19.48
N ILE A 29 4.47 8.16 20.35
CA ILE A 29 4.62 6.71 20.27
C ILE A 29 3.60 6.14 19.30
N ARG A 30 4.08 5.36 18.34
CA ARG A 30 3.27 4.67 17.35
C ARG A 30 3.41 3.16 17.45
N SER A 31 4.64 2.64 17.39
CA SER A 31 4.92 1.22 17.56
C SER A 31 5.91 1.06 18.71
N PRO A 32 5.42 1.02 19.95
CA PRO A 32 6.35 0.92 21.09
C PRO A 32 7.03 -0.43 21.14
N THR A 33 8.32 -0.41 21.48
CA THR A 33 9.06 -1.63 21.73
C THR A 33 8.54 -2.34 22.98
N ALA A 34 8.79 -3.65 23.04
CA ALA A 34 8.28 -4.48 24.13
C ALA A 34 8.67 -3.96 25.51
N ASP A 35 9.86 -3.37 25.64
CA ASP A 35 10.21 -2.74 26.92
C ASP A 35 9.30 -1.56 27.21
N GLN A 36 9.04 -0.72 26.21
CA GLN A 36 8.13 0.40 26.38
C GLN A 36 6.70 -0.08 26.61
N ILE A 37 6.30 -1.16 25.94
CA ILE A 37 4.97 -1.72 26.11
C ILE A 37 4.69 -2.04 27.57
N GLN A 38 5.62 -2.75 28.22
CA GLN A 38 5.41 -3.09 29.62
C GLN A 38 5.69 -1.92 30.56
N LYS A 39 6.51 -0.95 30.13
CA LYS A 39 6.69 0.26 30.92
C LYS A 39 5.41 1.08 30.97
N ILE A 40 4.69 1.16 29.83
CA ILE A 40 3.37 1.79 29.83
C ILE A 40 2.40 0.98 30.69
N THR A 41 2.43 -0.35 30.53
CA THR A 41 1.61 -1.23 31.35
C THR A 41 1.87 -1.02 32.84
N ALA A 42 3.13 -0.80 33.21
CA ALA A 42 3.47 -0.62 34.62
C ALA A 42 2.74 0.57 35.22
N ARG A 43 2.67 1.69 34.49
CA ARG A 43 1.95 2.86 34.99
C ARG A 43 0.43 2.70 34.90
N LEU A 44 -0.05 1.87 33.98
CA LEU A 44 -1.48 1.69 33.81
C LEU A 44 -2.06 0.64 34.76
N ARG A 45 -1.22 -0.18 35.40
CA ARG A 45 -1.71 -1.15 36.38
C ARG A 45 -2.37 -0.48 37.57
N GLN A 46 -2.20 0.83 37.74
CA GLN A 46 -2.81 1.56 38.84
C GLN A 46 -4.32 1.65 38.72
N PHE A 47 -4.87 1.52 37.51
CA PHE A 47 -6.26 1.92 37.26
C PHE A 47 -7.22 0.78 36.97
N GLY A 48 -6.77 -0.47 36.92
CA GLY A 48 -7.70 -1.57 36.73
C GLY A 48 -7.05 -2.75 36.05
N LYS A 49 -7.91 -3.59 35.46
CA LYS A 49 -7.46 -4.76 34.73
C LYS A 49 -6.57 -4.35 33.57
N ILE A 50 -5.58 -5.20 33.26
CA ILE A 50 -4.51 -4.80 32.35
C ILE A 50 -3.65 -5.97 31.91
N GLU A 51 -3.31 -6.00 30.61
CA GLU A 51 -2.30 -6.90 30.08
C GLU A 51 -1.46 -6.15 29.06
N GLY A 52 -0.30 -6.73 28.73
CA GLY A 52 0.59 -6.12 27.74
C GLY A 52 0.01 -6.09 26.34
N LYS A 53 -0.78 -7.10 25.98
CA LYS A 53 -1.37 -7.16 24.65
C LYS A 53 -2.37 -6.02 24.41
N ASN A 54 -2.99 -5.50 25.46
CA ASN A 54 -3.96 -4.43 25.29
C ASN A 54 -3.29 -3.16 24.75
N VAL A 55 -2.13 -2.81 25.30
CA VAL A 55 -1.41 -1.64 24.80
C VAL A 55 -0.93 -1.87 23.38
N PHE A 56 -0.51 -3.10 23.07
CA PHE A 56 -0.16 -3.46 21.71
C PHE A 56 -1.36 -3.30 20.78
N TYR A 57 -2.49 -3.91 21.14
CA TYR A 57 -3.69 -3.81 20.31
C TYR A 57 -4.19 -2.37 20.21
N TRP A 58 -4.09 -1.60 21.30
CA TRP A 58 -4.62 -0.25 21.27
C TRP A 58 -3.84 0.65 20.32
N PHE A 59 -2.50 0.60 20.40
CA PHE A 59 -1.70 1.43 19.51
C PHE A 59 -1.84 1.00 18.06
N GLN A 60 -2.00 -0.30 17.82
CA GLN A 60 -2.24 -0.77 16.46
C GLN A 60 -3.59 -0.27 15.93
N ASN A 61 -4.61 -0.29 16.78
CA ASN A 61 -5.95 0.14 16.35
C ASN A 61 -6.02 1.66 16.25
N HIS A 62 -5.36 2.37 17.15
CA HIS A 62 -5.43 3.83 17.13
C HIS A 62 -4.70 4.39 15.92
N LYS A 63 -3.59 3.77 15.50
CA LYS A 63 -2.93 4.20 14.27
C LYS A 63 -3.83 3.97 13.06
N ALA A 64 -4.56 2.86 13.04
CA ALA A 64 -5.48 2.58 11.94
C ALA A 64 -6.57 3.64 11.83
N ARG A 65 -6.99 4.22 12.96
CA ARG A 65 -8.09 5.17 12.93
C ARG A 65 -7.63 6.55 12.48
N GLU A 66 -6.53 7.04 13.08
CA GLU A 66 -5.90 8.27 12.59
C GLU A 66 -5.65 8.20 11.10
N ARG A 67 -5.24 7.04 10.60
CA ARG A 67 -4.81 6.93 9.21
C ARG A 67 -5.96 6.58 8.26
N GLN A 68 -7.01 5.91 8.74
CA GLN A 68 -8.20 5.75 7.90
C GLN A 68 -8.86 7.10 7.62
N LYS A 69 -8.85 8.00 8.60
CA LYS A 69 -9.47 9.31 8.45
C LYS A 69 -8.56 10.32 7.77
N LYS A 70 -7.36 9.91 7.35
CA LYS A 70 -6.46 10.81 6.62
C LYS A 70 -6.50 10.52 5.12
N THR B 8 19.76 -7.70 17.94
CA THR B 8 20.31 -8.66 16.98
C THR B 8 19.29 -9.73 16.65
N ARG B 9 19.24 -10.12 15.36
CA ARG B 9 18.32 -11.16 14.92
C ARG B 9 18.53 -12.44 15.71
N TRP B 10 17.43 -13.18 15.88
CA TRP B 10 17.50 -14.52 16.44
C TRP B 10 17.74 -15.52 15.31
N THR B 11 18.68 -16.43 15.53
CA THR B 11 18.93 -17.51 14.57
C THR B 11 18.63 -18.83 15.25
N PRO B 12 17.67 -19.61 14.76
CA PRO B 12 17.27 -20.82 15.46
C PRO B 12 18.26 -21.96 15.25
N THR B 13 18.58 -22.64 16.35
CA THR B 13 19.37 -23.86 16.27
C THR B 13 18.52 -25.01 15.75
N THR B 14 19.19 -26.03 15.21
CA THR B 14 18.47 -27.18 14.67
C THR B 14 17.56 -27.80 15.72
N GLU B 15 18.01 -27.82 16.98
CA GLU B 15 17.19 -28.36 18.05
C GLU B 15 15.97 -27.47 18.31
N GLN B 16 16.18 -26.16 18.35
CA GLN B 16 15.05 -25.24 18.59
C GLN B 16 13.99 -25.37 17.50
N ILE B 17 14.43 -25.55 16.25
CA ILE B 17 13.48 -25.68 15.15
C ILE B 17 12.67 -26.97 15.29
N LYS B 18 13.32 -28.07 15.64
CA LYS B 18 12.60 -29.35 15.70
C LYS B 18 11.65 -29.38 16.89
N ILE B 19 12.04 -28.76 18.02
CA ILE B 19 11.13 -28.66 19.15
C ILE B 19 9.91 -27.83 18.77
N LEU B 20 10.12 -26.73 18.02
CA LEU B 20 9.01 -25.91 17.59
C LEU B 20 8.10 -26.68 16.62
N LYS B 21 8.69 -27.36 15.64
CA LYS B 21 7.89 -28.16 14.72
C LYS B 21 7.20 -29.33 15.42
N GLU B 22 7.82 -29.85 16.49
CA GLU B 22 7.14 -30.85 17.31
C GLU B 22 5.85 -30.28 17.89
N LEU B 23 5.94 -29.13 18.56
CA LEU B 23 4.76 -28.52 19.15
C LEU B 23 3.72 -28.17 18.10
N TYR B 24 4.18 -27.76 16.92
CA TYR B 24 3.25 -27.33 15.88
C TYR B 24 2.52 -28.51 15.26
N TYR B 25 3.23 -29.59 14.97
CA TYR B 25 2.64 -30.69 14.21
C TYR B 25 2.09 -31.80 15.09
N ASN B 26 2.66 -32.02 16.27
CA ASN B 26 2.18 -33.09 17.15
C ASN B 26 1.33 -32.60 18.30
N ASN B 27 1.54 -31.37 18.76
CA ASN B 27 0.69 -30.79 19.79
C ASN B 27 -0.30 -29.76 19.25
N ALA B 28 -0.21 -29.43 17.96
CA ALA B 28 -1.21 -28.58 17.30
C ALA B 28 -1.27 -27.19 17.92
N ILE B 29 -0.11 -26.67 18.31
CA ILE B 29 -0.04 -25.32 18.83
C ILE B 29 -0.01 -24.35 17.65
N ARG B 30 -0.94 -23.40 17.64
CA ARG B 30 -1.04 -22.46 16.53
C ARG B 30 -0.84 -21.02 16.98
N SER B 31 -1.64 -20.55 17.94
CA SER B 31 -1.50 -19.23 18.53
C SER B 31 -1.37 -19.44 20.05
N PRO B 32 -0.16 -19.72 20.53
CA PRO B 32 0.01 -20.02 21.96
C PRO B 32 -0.27 -18.79 22.82
N THR B 33 -0.89 -19.03 23.96
CA THR B 33 -1.08 -17.96 24.95
C THR B 33 0.28 -17.52 25.50
N ALA B 34 0.31 -16.28 25.99
CA ALA B 34 1.54 -15.71 26.52
C ALA B 34 2.13 -16.59 27.62
N ASP B 35 1.28 -17.28 28.38
CA ASP B 35 1.78 -18.22 29.38
C ASP B 35 2.54 -19.36 28.73
N GLN B 36 1.98 -19.92 27.64
CA GLN B 36 2.67 -20.98 26.91
C GLN B 36 3.94 -20.46 26.26
N ILE B 37 3.90 -19.23 25.74
CA ILE B 37 5.06 -18.60 25.15
C ILE B 37 6.22 -18.57 26.14
N GLN B 38 5.93 -18.32 27.42
CA GLN B 38 6.98 -18.35 28.43
C GLN B 38 7.47 -19.77 28.67
N LYS B 39 6.56 -20.75 28.67
CA LYS B 39 6.97 -22.15 28.85
C LYS B 39 7.86 -22.61 27.71
N ILE B 40 7.52 -22.25 26.48
CA ILE B 40 8.29 -22.70 25.33
C ILE B 40 9.64 -21.99 25.27
N THR B 41 9.65 -20.67 25.48
CA THR B 41 10.91 -19.94 25.53
C THR B 41 11.82 -20.48 26.62
N ALA B 42 11.25 -20.87 27.76
CA ALA B 42 12.06 -21.41 28.84
C ALA B 42 12.79 -22.67 28.39
N ARG B 43 12.09 -23.55 27.67
CA ARG B 43 12.72 -24.78 27.20
C ARG B 43 13.74 -24.51 26.11
N LEU B 44 13.42 -23.60 25.18
CA LEU B 44 14.32 -23.32 24.07
C LEU B 44 15.52 -22.49 24.48
N ARG B 45 15.48 -21.84 25.64
CA ARG B 45 16.61 -21.04 26.11
C ARG B 45 17.84 -21.91 26.39
N GLN B 46 17.66 -23.22 26.56
CA GLN B 46 18.79 -24.11 26.79
C GLN B 46 19.77 -24.11 25.62
N PHE B 47 19.29 -23.81 24.42
CA PHE B 47 20.07 -23.97 23.20
C PHE B 47 20.59 -22.65 22.66
N GLY B 48 20.29 -21.54 23.30
CA GLY B 48 20.78 -20.23 22.88
C GLY B 48 19.83 -19.15 23.33
N LYS B 49 20.29 -17.90 23.16
CA LYS B 49 19.47 -16.76 23.56
C LYS B 49 18.21 -16.70 22.69
N ILE B 50 17.08 -16.44 23.35
CA ILE B 50 15.79 -16.38 22.68
C ILE B 50 14.82 -15.65 23.58
N GLU B 51 13.87 -14.95 22.98
CA GLU B 51 12.85 -14.20 23.70
C GLU B 51 11.47 -14.72 23.34
N GLY B 52 10.48 -14.33 24.14
CA GLY B 52 9.12 -14.76 23.88
C GLY B 52 8.60 -14.29 22.54
N LYS B 53 9.05 -13.12 22.09
CA LYS B 53 8.62 -12.62 20.79
C LYS B 53 9.14 -13.49 19.66
N ASN B 54 10.27 -14.18 19.87
CA ASN B 54 10.80 -15.04 18.83
C ASN B 54 9.89 -16.23 18.56
N VAL B 55 9.41 -16.88 19.62
CA VAL B 55 8.48 -17.99 19.43
C VAL B 55 7.14 -17.49 18.92
N PHE B 56 6.72 -16.29 19.36
CA PHE B 56 5.49 -15.69 18.84
C PHE B 56 5.59 -15.46 17.34
N TYR B 57 6.64 -14.76 16.90
CA TYR B 57 6.82 -14.52 15.48
C TYR B 57 7.00 -15.82 14.71
N TRP B 58 7.64 -16.82 15.32
CA TRP B 58 7.90 -18.07 14.61
C TRP B 58 6.59 -18.77 14.28
N PHE B 59 5.66 -18.82 15.23
CA PHE B 59 4.39 -19.48 14.97
C PHE B 59 3.56 -18.73 13.94
N GLN B 60 3.56 -17.40 14.00
CA GLN B 60 2.88 -16.61 12.98
CA GLN B 60 2.88 -16.61 12.98
C GLN B 60 3.53 -16.83 11.61
N ASN B 61 4.86 -16.74 11.55
CA ASN B 61 5.56 -16.92 10.29
C ASN B 61 5.39 -18.33 9.75
N HIS B 62 5.38 -19.33 10.64
CA HIS B 62 5.22 -20.71 10.19
C HIS B 62 3.81 -20.96 9.66
N LYS B 63 2.80 -20.34 10.26
CA LYS B 63 1.45 -20.46 9.72
C LYS B 63 1.37 -19.83 8.33
N ALA B 64 2.02 -18.69 8.15
CA ALA B 64 2.09 -18.10 6.81
C ALA B 64 2.84 -19.01 5.85
N ARG B 65 3.90 -19.66 6.35
CA ARG B 65 4.65 -20.61 5.53
C ARG B 65 3.78 -21.77 5.10
N GLU B 66 2.95 -22.28 6.02
CA GLU B 66 2.08 -23.42 5.69
C GLU B 66 1.03 -23.03 4.65
N ARG B 67 0.40 -21.86 4.82
CA ARG B 67 -0.66 -21.45 3.93
C ARG B 67 -0.16 -21.22 2.50
N GLN B 68 1.13 -20.94 2.33
CA GLN B 68 1.69 -20.83 0.99
C GLN B 68 1.93 -22.20 0.37
N LYS B 69 2.13 -23.23 1.21
CA LYS B 69 2.28 -24.58 0.69
C LYS B 69 0.96 -25.11 0.14
N LYS B 70 -0.15 -24.74 0.77
CA LYS B 70 -1.45 -25.21 0.28
C LYS B 70 -1.85 -24.54 -1.01
N ARG B 71 -1.32 -23.33 -1.27
CA ARG B 71 -1.55 -22.66 -2.54
C ARG B 71 -0.85 -23.41 -3.67
N THR C 8 13.20 2.59 14.03
CA THR C 8 12.10 1.96 13.33
C THR C 8 12.42 1.75 11.86
N ARG C 9 12.10 0.56 11.35
CA ARG C 9 12.40 0.22 9.96
C ARG C 9 11.75 1.23 9.01
N TRP C 10 12.30 1.29 7.80
CA TRP C 10 11.78 2.20 6.79
C TRP C 10 10.50 1.62 6.18
N THR C 11 9.48 2.46 6.06
CA THR C 11 8.24 2.11 5.39
C THR C 11 8.08 3.03 4.19
N PRO C 12 7.97 2.50 2.97
CA PRO C 12 7.93 3.39 1.80
C PRO C 12 6.57 4.06 1.65
N THR C 13 6.61 5.35 1.35
CA THR C 13 5.40 6.08 1.03
C THR C 13 4.90 5.69 -0.35
N THR C 14 3.61 5.95 -0.60
CA THR C 14 2.97 5.54 -1.85
C THR C 14 3.72 6.06 -3.06
N GLU C 15 4.19 7.31 -3.01
CA GLU C 15 4.92 7.87 -4.15
C GLU C 15 6.33 7.31 -4.24
N GLN C 16 6.94 6.91 -3.11
CA GLN C 16 8.26 6.31 -3.17
C GLN C 16 8.22 4.94 -3.83
N ILE C 17 7.18 4.15 -3.56
CA ILE C 17 7.05 2.86 -4.25
C ILE C 17 6.79 3.09 -5.73
N LYS C 18 6.00 4.12 -6.05
CA LYS C 18 5.74 4.46 -7.45
C LYS C 18 7.03 4.76 -8.19
N ILE C 19 7.96 5.47 -7.55
CA ILE C 19 9.21 5.83 -8.20
C ILE C 19 10.14 4.62 -8.29
N LEU C 20 10.21 3.82 -7.22
CA LEU C 20 11.10 2.66 -7.23
C LEU C 20 10.66 1.63 -8.26
N LYS C 21 9.38 1.28 -8.28
CA LYS C 21 8.89 0.31 -9.25
C LYS C 21 8.95 0.88 -10.67
N GLU C 22 8.84 2.19 -10.82
CA GLU C 22 9.11 2.82 -12.12
C GLU C 22 10.55 2.54 -12.56
N LEU C 23 11.52 2.82 -11.68
CA LEU C 23 12.92 2.58 -12.02
C LEU C 23 13.19 1.12 -12.30
N TYR C 24 12.50 0.22 -11.61
CA TYR C 24 12.77 -1.21 -11.77
C TYR C 24 12.21 -1.73 -13.09
N TYR C 25 10.99 -1.34 -13.43
CA TYR C 25 10.28 -1.89 -14.58
C TYR C 25 10.44 -1.07 -15.85
N ASN C 26 10.61 0.24 -15.74
CA ASN C 26 10.74 1.09 -16.92
C ASN C 26 12.17 1.48 -17.22
N ASN C 27 13.03 1.54 -16.21
CA ASN C 27 14.44 1.81 -16.41
C ASN C 27 15.30 0.56 -16.30
N ALA C 28 14.72 -0.58 -15.93
CA ALA C 28 15.41 -1.87 -15.93
C ALA C 28 16.60 -1.87 -14.97
N ILE C 29 16.45 -1.18 -13.84
CA ILE C 29 17.47 -1.18 -12.81
C ILE C 29 17.28 -2.38 -11.89
N ARG C 30 18.34 -3.17 -11.71
CA ARG C 30 18.32 -4.33 -10.85
C ARG C 30 19.34 -4.24 -9.72
N SER C 31 20.62 -4.03 -10.02
CA SER C 31 21.67 -3.87 -9.03
C SER C 31 22.33 -2.52 -9.26
N PRO C 32 21.77 -1.45 -8.71
CA PRO C 32 22.31 -0.11 -8.99
C PRO C 32 23.69 0.09 -8.40
N THR C 33 24.54 0.81 -9.13
CA THR C 33 25.82 1.23 -8.59
C THR C 33 25.62 2.23 -7.45
N ALA C 34 26.61 2.28 -6.56
CA ALA C 34 26.50 3.13 -5.37
C ALA C 34 26.22 4.58 -5.72
N ASP C 35 26.73 5.06 -6.86
CA ASP C 35 26.42 6.40 -7.31
C ASP C 35 24.93 6.52 -7.64
N GLN C 36 24.37 5.50 -8.30
CA GLN C 36 22.94 5.53 -8.60
C GLN C 36 22.09 5.52 -7.34
N ILE C 37 22.54 4.78 -6.31
CA ILE C 37 21.84 4.81 -5.03
C ILE C 37 21.76 6.24 -4.51
N GLN C 38 22.89 6.96 -4.54
CA GLN C 38 22.90 8.35 -4.08
C GLN C 38 21.89 9.19 -4.83
N LYS C 39 21.80 9.02 -6.16
CA LYS C 39 20.85 9.80 -6.94
C LYS C 39 19.42 9.37 -6.66
N ILE C 40 19.17 8.07 -6.53
CA ILE C 40 17.85 7.59 -6.16
C ILE C 40 17.49 8.05 -4.75
N THR C 41 18.44 7.94 -3.82
CA THR C 41 18.23 8.45 -2.46
C THR C 41 17.86 9.93 -2.48
N ALA C 42 18.47 10.70 -3.38
CA ALA C 42 18.19 12.13 -3.44
C ALA C 42 16.72 12.41 -3.75
N ARG C 43 16.15 11.72 -4.75
CA ARG C 43 14.78 12.02 -5.14
C ARG C 43 13.78 11.49 -4.12
N LEU C 44 14.03 10.31 -3.57
CA LEU C 44 13.08 9.74 -2.62
C LEU C 44 13.07 10.52 -1.30
N ARG C 45 14.22 11.11 -0.92
CA ARG C 45 14.24 11.93 0.28
C ARG C 45 13.48 13.24 0.11
N GLN C 46 13.28 13.69 -1.13
CA GLN C 46 12.34 14.77 -1.37
C GLN C 46 10.89 14.36 -1.11
N PHE C 47 10.66 13.09 -0.76
CA PHE C 47 9.33 12.60 -0.45
C PHE C 47 9.22 11.87 0.89
N GLY C 48 10.29 11.77 1.65
CA GLY C 48 10.20 11.17 2.97
C GLY C 48 11.54 10.61 3.42
N LYS C 49 11.58 10.27 4.71
CA LYS C 49 12.77 9.76 5.38
C LYS C 49 13.19 8.41 4.83
N ILE C 50 14.31 8.35 4.11
CA ILE C 50 14.88 7.13 3.58
C ILE C 50 16.38 7.19 3.77
N GLU C 51 17.06 6.06 3.50
CA GLU C 51 18.52 6.06 3.50
C GLU C 51 19.00 5.32 2.27
N GLY C 52 20.30 5.48 1.98
CA GLY C 52 20.88 4.76 0.87
C GLY C 52 20.80 3.26 1.06
N LYS C 53 20.82 2.81 2.32
CA LYS C 53 20.72 1.40 2.64
C LYS C 53 19.35 0.83 2.27
N ASN C 54 18.31 1.69 2.28
CA ASN C 54 16.95 1.25 1.95
C ASN C 54 16.85 0.88 0.48
N VAL C 55 17.34 1.77 -0.40
CA VAL C 55 17.31 1.53 -1.83
C VAL C 55 18.18 0.33 -2.19
N PHE C 56 19.30 0.17 -1.48
CA PHE C 56 20.12 -1.01 -1.65
C PHE C 56 19.33 -2.27 -1.29
N TYR C 57 18.73 -2.28 -0.10
CA TYR C 57 17.92 -3.44 0.31
C TYR C 57 16.72 -3.64 -0.60
N TRP C 58 16.09 -2.55 -1.04
CA TRP C 58 14.83 -2.68 -1.78
C TRP C 58 15.05 -3.34 -3.14
N PHE C 59 16.09 -2.92 -3.87
CA PHE C 59 16.32 -3.50 -5.18
C PHE C 59 16.72 -4.97 -5.08
N GLN C 60 17.44 -5.34 -4.02
CA GLN C 60 17.73 -6.75 -3.79
C GLN C 60 16.46 -7.50 -3.38
N ASN C 61 15.67 -6.90 -2.48
CA ASN C 61 14.48 -7.59 -1.97
C ASN C 61 13.40 -7.71 -3.04
N HIS C 62 13.23 -6.69 -3.87
CA HIS C 62 12.22 -6.77 -4.92
C HIS C 62 12.61 -7.76 -6.00
N LYS C 63 13.92 -7.84 -6.32
CA LYS C 63 14.38 -8.84 -7.26
C LYS C 63 14.17 -10.25 -6.73
N ALA C 64 14.44 -10.46 -5.43
CA ALA C 64 14.18 -11.76 -4.81
C ALA C 64 12.69 -12.06 -4.80
N ARG C 65 11.87 -11.07 -4.44
CA ARG C 65 10.42 -11.27 -4.40
C ARG C 65 9.89 -11.62 -5.79
N GLU C 66 10.41 -10.96 -6.83
CA GLU C 66 9.99 -11.26 -8.19
C GLU C 66 10.53 -12.62 -8.64
N ARG C 67 11.76 -12.94 -8.26
CA ARG C 67 12.33 -14.26 -8.53
C ARG C 67 11.46 -15.35 -7.93
N GLN C 68 11.22 -15.27 -6.62
CA GLN C 68 10.45 -16.30 -5.93
C GLN C 68 9.01 -16.37 -6.45
N LYS C 69 8.44 -15.22 -6.81
CA LYS C 69 7.07 -15.20 -7.32
C LYS C 69 6.96 -15.98 -8.62
N LYS C 70 7.98 -15.90 -9.47
CA LYS C 70 8.02 -16.71 -10.68
C LYS C 70 8.01 -18.20 -10.34
N ARG C 71 8.72 -18.58 -9.28
CA ARG C 71 8.74 -19.98 -8.84
C ARG C 71 7.43 -20.37 -8.17
N THR D 8 -29.00 7.65 -15.71
CA THR D 8 -27.69 7.24 -15.20
C THR D 8 -26.59 8.12 -15.78
N ARG D 9 -26.96 9.02 -16.69
CA ARG D 9 -26.01 9.90 -17.33
C ARG D 9 -25.81 11.16 -16.48
N TRP D 10 -24.55 11.58 -16.37
CA TRP D 10 -24.20 12.69 -15.50
C TRP D 10 -24.78 14.00 -16.00
N THR D 11 -25.37 14.77 -15.08
CA THR D 11 -25.89 16.10 -15.37
C THR D 11 -25.14 17.11 -14.51
N PRO D 12 -24.46 18.10 -15.10
CA PRO D 12 -23.65 19.02 -14.30
C PRO D 12 -24.51 20.04 -13.58
N THR D 13 -24.20 20.25 -12.30
CA THR D 13 -24.83 21.34 -11.57
C THR D 13 -24.26 22.68 -12.01
N THR D 14 -25.07 23.73 -11.86
CA THR D 14 -24.67 25.05 -12.31
C THR D 14 -23.40 25.53 -11.60
N GLU D 15 -23.19 25.10 -10.35
CA GLU D 15 -22.10 25.66 -9.55
C GLU D 15 -20.74 25.19 -10.05
N GLN D 16 -20.63 23.92 -10.46
CA GLN D 16 -19.36 23.43 -10.97
C GLN D 16 -19.05 23.96 -12.36
N ILE D 17 -20.07 24.20 -13.18
CA ILE D 17 -19.84 24.72 -14.53
C ILE D 17 -19.20 26.11 -14.45
N LYS D 18 -19.63 26.93 -13.50
CA LYS D 18 -18.95 28.21 -13.27
C LYS D 18 -17.52 27.98 -12.81
N ILE D 19 -17.26 26.90 -12.09
CA ILE D 19 -15.90 26.53 -11.70
C ILE D 19 -15.17 25.88 -12.87
N LEU D 20 -15.86 25.04 -13.64
CA LEU D 20 -15.23 24.42 -14.80
C LEU D 20 -14.84 25.47 -15.84
N LYS D 21 -15.77 26.38 -16.16
CA LYS D 21 -15.45 27.46 -17.10
C LYS D 21 -14.39 28.38 -16.53
N GLU D 22 -14.30 28.49 -15.22
CA GLU D 22 -13.17 29.19 -14.60
C GLU D 22 -11.85 28.59 -15.08
N LEU D 23 -11.73 27.27 -14.96
CA LEU D 23 -10.53 26.57 -15.42
C LEU D 23 -10.36 26.69 -16.93
N TYR D 24 -11.48 26.66 -17.67
CA TYR D 24 -11.41 26.60 -19.13
C TYR D 24 -11.01 27.94 -19.74
N TYR D 25 -11.65 29.02 -19.33
CA TYR D 25 -11.44 30.30 -19.98
C TYR D 25 -10.44 31.21 -19.28
N ASN D 26 -10.34 31.15 -17.95
CA ASN D 26 -9.41 32.03 -17.24
C ASN D 26 -8.15 31.32 -16.77
N ASN D 27 -8.21 30.01 -16.54
CA ASN D 27 -7.03 29.24 -16.19
C ASN D 27 -6.48 28.45 -17.38
N ALA D 28 -7.19 28.47 -18.50
CA ALA D 28 -6.72 27.94 -19.78
C ALA D 28 -6.46 26.44 -19.76
N ILE D 29 -7.26 25.68 -19.02
CA ILE D 29 -7.20 24.22 -19.09
C ILE D 29 -8.08 23.78 -20.24
N ARG D 30 -7.50 23.05 -21.20
CA ARG D 30 -8.23 22.53 -22.35
C ARG D 30 -8.16 21.01 -22.45
N SER D 31 -6.95 20.45 -22.45
CA SER D 31 -6.73 19.01 -22.43
C SER D 31 -5.92 18.73 -21.18
N PRO D 32 -6.57 18.66 -20.02
CA PRO D 32 -5.87 18.50 -18.75
C PRO D 32 -5.23 17.12 -18.61
N THR D 33 -4.04 17.08 -18.02
CA THR D 33 -3.43 15.83 -17.62
C THR D 33 -4.24 15.20 -16.50
N ALA D 34 -4.13 13.87 -16.37
CA ALA D 34 -4.89 13.14 -15.37
C ALA D 34 -4.68 13.72 -13.97
N ASP D 35 -3.48 14.24 -13.70
CA ASP D 35 -3.19 14.91 -12.44
C ASP D 35 -4.08 16.13 -12.23
N GLN D 36 -4.30 16.93 -13.28
CA GLN D 36 -5.21 18.06 -13.18
C GLN D 36 -6.63 17.61 -12.93
N ILE D 37 -7.05 16.50 -13.58
CA ILE D 37 -8.36 15.92 -13.31
C ILE D 37 -8.50 15.56 -11.84
N GLN D 38 -7.49 14.91 -11.27
CA GLN D 38 -7.51 14.55 -9.85
C GLN D 38 -7.70 15.79 -8.99
N LYS D 39 -7.08 16.91 -9.37
CA LYS D 39 -7.31 18.16 -8.66
C LYS D 39 -8.73 18.66 -8.88
N ILE D 40 -9.26 18.49 -10.08
CA ILE D 40 -10.56 19.08 -10.40
C ILE D 40 -11.69 18.25 -9.84
N THR D 41 -11.64 16.93 -10.02
CA THR D 41 -12.65 16.05 -9.44
C THR D 41 -12.69 16.18 -7.92
N ALA D 42 -11.52 16.27 -7.28
CA ALA D 42 -11.46 16.36 -5.82
C ALA D 42 -12.20 17.59 -5.30
N ARG D 43 -11.91 18.75 -5.88
CA ARG D 43 -12.52 19.98 -5.37
C ARG D 43 -14.00 20.07 -5.71
N LEU D 44 -14.45 19.36 -6.74
CA LEU D 44 -15.82 19.46 -7.21
C LEU D 44 -16.67 18.25 -6.85
N ARG D 45 -16.14 17.29 -6.07
CA ARG D 45 -16.90 16.10 -5.72
C ARG D 45 -18.01 16.42 -4.73
N GLN D 46 -17.76 17.34 -3.80
CA GLN D 46 -18.75 17.63 -2.76
C GLN D 46 -19.95 18.42 -3.29
N PHE D 47 -19.87 18.94 -4.52
CA PHE D 47 -20.94 19.74 -5.09
C PHE D 47 -21.91 18.93 -5.93
N GLY D 48 -21.69 17.64 -6.05
CA GLY D 48 -22.59 16.77 -6.79
C GLY D 48 -21.85 15.56 -7.31
N LYS D 49 -22.58 14.74 -8.07
CA LYS D 49 -22.03 13.51 -8.62
C LYS D 49 -21.11 13.85 -9.79
N ILE D 50 -19.81 13.58 -9.64
CA ILE D 50 -18.85 13.71 -10.72
C ILE D 50 -17.75 12.66 -10.53
N GLU D 51 -17.07 12.35 -11.63
CA GLU D 51 -15.94 11.42 -11.63
C GLU D 51 -14.98 11.84 -12.75
N GLY D 52 -13.82 11.20 -12.78
CA GLY D 52 -12.81 11.56 -13.76
C GLY D 52 -13.27 11.43 -15.19
N LYS D 53 -14.17 10.48 -15.48
CA LYS D 53 -14.67 10.38 -16.85
C LYS D 53 -15.51 11.58 -17.24
N ASN D 54 -16.20 12.20 -16.27
CA ASN D 54 -17.05 13.35 -16.58
C ASN D 54 -16.22 14.59 -16.94
N VAL D 55 -15.16 14.87 -16.18
CA VAL D 55 -14.35 16.04 -16.47
C VAL D 55 -13.60 15.87 -17.78
N PHE D 56 -13.15 14.65 -18.08
CA PHE D 56 -12.49 14.41 -19.36
C PHE D 56 -13.42 14.68 -20.54
N TYR D 57 -14.61 14.06 -20.52
CA TYR D 57 -15.54 14.24 -21.64
C TYR D 57 -15.98 15.69 -21.80
N TRP D 58 -16.18 16.41 -20.68
CA TRP D 58 -16.66 17.78 -20.78
C TRP D 58 -15.63 18.69 -21.43
N PHE D 59 -14.36 18.55 -21.05
CA PHE D 59 -13.34 19.42 -21.63
C PHE D 59 -13.17 19.17 -23.12
N GLN D 60 -13.28 17.91 -23.55
CA GLN D 60 -13.20 17.65 -24.98
C GLN D 60 -14.50 18.03 -25.69
N ASN D 61 -15.61 18.04 -24.98
CA ASN D 61 -16.88 18.46 -25.57
C ASN D 61 -17.01 19.98 -25.60
N HIS D 62 -16.55 20.66 -24.55
CA HIS D 62 -16.64 22.11 -24.54
C HIS D 62 -15.71 22.73 -25.59
N LYS D 63 -14.55 22.12 -25.80
CA LYS D 63 -13.69 22.55 -26.89
C LYS D 63 -14.39 22.31 -28.22
N ALA D 64 -15.07 21.16 -28.35
CA ALA D 64 -15.84 20.89 -29.56
C ALA D 64 -16.95 21.91 -29.76
N ARG D 65 -17.64 22.30 -28.69
CA ARG D 65 -18.59 23.40 -28.77
C ARG D 65 -17.92 24.64 -29.34
N GLU D 66 -16.78 25.01 -28.77
CA GLU D 66 -16.02 26.16 -29.26
C GLU D 66 -15.60 25.98 -30.72
N ARG D 67 -15.18 24.77 -31.07
CA ARG D 67 -14.58 24.56 -32.39
C ARG D 67 -15.61 24.66 -33.52
N GLN D 68 -16.87 24.29 -33.25
CA GLN D 68 -17.90 24.37 -34.27
C GLN D 68 -18.73 25.64 -34.21
N LYS D 69 -18.58 26.44 -33.15
CA LYS D 69 -19.24 27.75 -33.13
C LYS D 69 -18.47 28.78 -33.94
N LYS D 70 -17.15 28.67 -33.99
CA LYS D 70 -16.32 29.56 -34.80
C LYS D 70 -16.32 29.11 -36.26
N THR E 8 3.95 13.46 -25.72
CA THR E 8 4.48 12.25 -25.10
C THR E 8 3.54 11.07 -25.30
N ARG E 9 4.07 9.86 -25.16
CA ARG E 9 3.32 8.65 -25.44
C ARG E 9 3.69 7.56 -24.44
N TRP E 10 2.69 6.87 -23.92
CA TRP E 10 2.89 5.80 -22.97
C TRP E 10 3.25 4.50 -23.68
N THR E 11 4.26 3.80 -23.16
CA THR E 11 4.64 2.49 -23.66
C THR E 11 4.44 1.48 -22.54
N PRO E 12 3.61 0.47 -22.73
CA PRO E 12 3.31 -0.46 -21.63
C PRO E 12 4.43 -1.46 -21.42
N THR E 13 4.73 -1.72 -20.14
CA THR E 13 5.69 -2.76 -19.81
C THR E 13 5.07 -4.13 -20.07
N THR E 14 5.95 -5.14 -20.23
CA THR E 14 5.50 -6.48 -20.59
C THR E 14 4.47 -7.03 -19.62
N GLU E 15 4.58 -6.70 -18.33
CA GLU E 15 3.57 -7.17 -17.38
C GLU E 15 2.31 -6.32 -17.43
N GLN E 16 2.41 -5.04 -17.79
CA GLN E 16 1.21 -4.23 -17.93
C GLN E 16 0.35 -4.74 -19.08
N ILE E 17 0.98 -5.14 -20.19
CA ILE E 17 0.22 -5.67 -21.32
C ILE E 17 -0.44 -7.00 -20.94
N LYS E 18 0.29 -7.85 -20.20
CA LYS E 18 -0.26 -9.14 -19.81
C LYS E 18 -1.45 -8.97 -18.88
N ILE E 19 -1.41 -7.98 -17.98
CA ILE E 19 -2.56 -7.72 -17.12
C ILE E 19 -3.70 -7.11 -17.93
N LEU E 20 -3.37 -6.21 -18.87
CA LEU E 20 -4.42 -5.60 -19.69
C LEU E 20 -5.14 -6.66 -20.53
N LYS E 21 -4.39 -7.52 -21.20
CA LYS E 21 -5.01 -8.60 -21.96
C LYS E 21 -5.73 -9.58 -21.05
N GLU E 22 -5.24 -9.74 -19.82
CA GLU E 22 -5.94 -10.53 -18.81
C GLU E 22 -7.33 -9.95 -18.52
N LEU E 23 -7.39 -8.66 -18.19
CA LEU E 23 -8.66 -8.03 -17.84
C LEU E 23 -9.61 -8.03 -19.03
N TYR E 24 -9.10 -7.82 -20.24
CA TYR E 24 -9.97 -7.71 -21.41
C TYR E 24 -10.52 -9.05 -21.85
N TYR E 25 -9.67 -10.07 -21.90
CA TYR E 25 -10.07 -11.34 -22.50
C TYR E 25 -10.58 -12.35 -21.48
N ASN E 26 -10.08 -12.31 -20.24
CA ASN E 26 -10.52 -13.27 -19.23
C ASN E 26 -11.49 -12.68 -18.22
N ASN E 27 -11.45 -11.37 -17.99
CA ASN E 27 -12.40 -10.70 -17.10
C ASN E 27 -13.49 -9.95 -17.85
N ALA E 28 -13.40 -9.87 -19.18
CA ALA E 28 -14.47 -9.34 -20.04
C ALA E 28 -14.77 -7.86 -19.75
N ILE E 29 -13.76 -7.07 -19.42
CA ILE E 29 -13.91 -5.64 -19.24
C ILE E 29 -13.75 -4.95 -20.60
N ARG E 30 -14.74 -4.12 -20.95
CA ARG E 30 -14.70 -3.38 -22.22
C ARG E 30 -14.69 -1.87 -22.00
N SER E 31 -15.67 -1.32 -21.29
CA SER E 31 -15.70 0.10 -20.95
C SER E 31 -15.79 0.21 -19.43
N PRO E 32 -14.66 0.13 -18.74
CA PRO E 32 -14.70 0.15 -17.27
C PRO E 32 -15.14 1.51 -16.75
N THR E 33 -15.94 1.50 -15.70
CA THR E 33 -16.27 2.73 -15.00
C THR E 33 -15.02 3.32 -14.36
N ALA E 34 -15.09 4.63 -14.10
CA ALA E 34 -13.93 5.34 -13.54
C ALA E 34 -13.42 4.68 -12.27
N ASP E 35 -14.31 4.07 -11.49
CA ASP E 35 -13.87 3.32 -10.31
C ASP E 35 -12.98 2.15 -10.69
N GLN E 36 -13.37 1.40 -11.73
CA GLN E 36 -12.53 0.30 -12.19
C GLN E 36 -11.23 0.81 -12.78
N ILE E 37 -11.29 1.94 -13.50
CA ILE E 37 -10.10 2.53 -14.10
C ILE E 37 -9.02 2.78 -13.04
N GLN E 38 -9.38 3.48 -11.96
CA GLN E 38 -8.40 3.79 -10.93
C GLN E 38 -7.89 2.54 -10.22
N LYS E 39 -8.75 1.52 -10.07
CA LYS E 39 -8.27 0.25 -9.51
C LYS E 39 -7.30 -0.42 -10.46
N ILE E 40 -7.58 -0.38 -11.76
CA ILE E 40 -6.66 -0.95 -12.75
C ILE E 40 -5.37 -0.16 -12.79
N THR E 41 -5.46 1.19 -12.78
CA THR E 41 -4.25 2.00 -12.76
C THR E 41 -3.39 1.69 -11.54
N ALA E 42 -4.02 1.49 -10.38
CA ALA E 42 -3.27 1.14 -9.18
C ALA E 42 -2.53 -0.18 -9.36
N ARG E 43 -3.23 -1.18 -9.91
CA ARG E 43 -2.61 -2.47 -10.13
C ARG E 43 -1.49 -2.39 -11.16
N LEU E 44 -1.72 -1.64 -12.24
CA LEU E 44 -0.70 -1.48 -13.27
C LEU E 44 0.42 -0.54 -12.85
N ARG E 45 0.18 0.31 -11.85
CA ARG E 45 1.26 1.15 -11.34
C ARG E 45 2.33 0.31 -10.67
N GLN E 46 1.95 -0.84 -10.12
CA GLN E 46 2.89 -1.76 -9.47
C GLN E 46 3.94 -2.29 -10.44
N PHE E 47 3.70 -2.18 -11.74
CA PHE E 47 4.55 -2.81 -12.74
C PHE E 47 5.15 -1.82 -13.74
N GLY E 48 4.94 -0.53 -13.54
CA GLY E 48 5.57 0.44 -14.42
C GLY E 48 4.80 1.74 -14.45
N LYS E 49 5.36 2.69 -15.20
CA LYS E 49 4.75 4.00 -15.36
C LYS E 49 3.42 3.88 -16.10
N ILE E 50 2.33 4.24 -15.43
CA ILE E 50 1.03 4.25 -16.09
C ILE E 50 0.14 5.32 -15.50
N GLU E 51 -0.91 5.66 -16.23
CA GLU E 51 -1.78 6.80 -15.92
C GLU E 51 -3.22 6.40 -16.16
N GLY E 52 -4.13 7.17 -15.56
CA GLY E 52 -5.54 6.87 -15.73
C GLY E 52 -6.05 7.04 -17.15
N LYS E 53 -5.48 8.02 -17.88
CA LYS E 53 -5.88 8.29 -19.27
C LYS E 53 -5.49 7.15 -20.20
N ASN E 54 -4.39 6.46 -19.88
CA ASN E 54 -3.89 5.34 -20.68
C ASN E 54 -4.80 4.13 -20.57
N VAL E 55 -5.26 3.80 -19.37
CA VAL E 55 -6.18 2.67 -19.22
C VAL E 55 -7.48 2.97 -19.94
N PHE E 56 -7.94 4.22 -19.88
CA PHE E 56 -9.12 4.61 -20.66
C PHE E 56 -8.86 4.46 -22.15
N TYR E 57 -7.78 5.07 -22.65
CA TYR E 57 -7.48 5.00 -24.09
C TYR E 57 -7.23 3.57 -24.53
N TRP E 58 -6.59 2.75 -23.69
CA TRP E 58 -6.22 1.41 -24.11
C TRP E 58 -7.45 0.54 -24.33
N PHE E 59 -8.41 0.59 -23.40
CA PHE E 59 -9.63 -0.21 -23.56
C PHE E 59 -10.46 0.27 -24.74
N GLN E 60 -10.52 1.59 -24.93
CA GLN E 60 -11.23 2.14 -26.09
C GLN E 60 -10.57 1.73 -27.39
N ASN E 61 -9.23 1.78 -27.44
CA ASN E 61 -8.52 1.40 -28.66
C ASN E 61 -8.63 -0.10 -28.91
N HIS E 62 -8.60 -0.91 -27.85
CA HIS E 62 -8.65 -2.35 -28.03
C HIS E 62 -10.04 -2.79 -28.49
N LYS E 63 -11.10 -2.12 -28.00
CA LYS E 63 -12.44 -2.40 -28.51
C LYS E 63 -12.55 -2.04 -29.98
N ALA E 64 -11.94 -0.92 -30.38
CA ALA E 64 -11.94 -0.54 -31.78
C ALA E 64 -11.25 -1.58 -32.65
N ARG E 65 -10.17 -2.18 -32.14
CA ARG E 65 -9.49 -3.23 -32.89
C ARG E 65 -10.38 -4.46 -33.05
N GLU E 66 -10.99 -4.91 -31.95
CA GLU E 66 -11.83 -6.10 -32.00
C GLU E 66 -13.05 -5.89 -32.89
N ARG E 67 -13.67 -4.71 -32.80
CA ARG E 67 -14.85 -4.46 -33.63
C ARG E 67 -14.48 -4.35 -35.10
N GLN E 68 -13.33 -3.75 -35.41
CA GLN E 68 -12.95 -3.57 -36.82
C GLN E 68 -12.58 -4.89 -37.46
N LYS E 69 -11.79 -5.72 -36.78
CA LYS E 69 -11.37 -6.99 -37.37
C LYS E 69 -12.44 -8.07 -37.29
N LYS E 70 -13.52 -7.85 -36.55
CA LYS E 70 -14.60 -8.83 -36.51
C LYS E 70 -15.34 -8.88 -37.84
N ARG E 71 -15.57 -7.72 -38.46
CA ARG E 71 -16.25 -7.67 -39.75
C ARG E 71 -15.25 -7.41 -40.88
#